data_8W3Q
#
_entry.id   8W3Q
#
_cell.length_a   185.745
_cell.length_b   185.745
_cell.length_c   185.745
_cell.angle_alpha   90.000
_cell.angle_beta   90.000
_cell.angle_gamma   90.000
#
_symmetry.space_group_name_H-M   'I 21 3'
#
_entity_poly.entity_id   1
_entity_poly.type   'polypeptide(L)'
_entity_poly.pdbx_seq_one_letter_code
;MSWKVVIIFSLLITPQHGLKESYLEESCSTITEGYLSVLRTGWYTNVFTLEVGDVENLTCADGPSLIKTELDLTKSALRD
LRTVSADGHGHPGGGGGGFVLGAIALGVATAAAVTCGVAIAKCIRLESEVTAIKNALKKTNEAVSTLGCGPRVLATAVRE
LKDFVSKNLTRAINKNKCDIPDLKMAVSFSQFNRRFLNVVRQFSDNAGITPAISLDLMTDAELARAVSNMPTSAGQIKLM
LENRAMVRRKGFGILIGVYGSSVIYMVQLPIFGVIDTPCWIVKAAPSCSEKKGNYACLLREDQGWYCQNAGSTVYYPNEK
DCETRGDHVFCDTAAGINVAEQSKECNINISTTNYPCKVSTGRHPISMVALSPLGALVACYKGVSCSIGSNRVGIIKQLN
KGCSYITNQDADTVTIDNTVYCLSKVEGEQHVIKGRPVSSSFDPVKFPEDQFNVALDQVFESIENSQALVDQSNRILASG
YIPEAPRDGQAYVRKDGEWVLLSTFLGSHHHHHH
;
_entity_poly.pdbx_strand_id   F
#
# COMPACT_ATOMS: atom_id res chain seq x y z
N LEU A 19 19.56 11.89 -2.72
CA LEU A 19 20.66 10.95 -2.88
C LEU A 19 21.87 11.47 -2.06
N LYS A 20 21.58 12.49 -1.23
CA LYS A 20 22.56 13.20 -0.40
C LYS A 20 21.91 13.26 0.99
N GLU A 21 22.59 12.65 1.93
CA GLU A 21 22.14 12.47 3.30
C GLU A 21 22.94 13.33 4.27
N SER A 22 22.25 14.04 5.15
CA SER A 22 22.92 14.85 6.15
C SER A 22 22.70 14.33 7.58
N TYR A 23 23.82 14.05 8.27
CA TYR A 23 23.90 13.71 9.68
C TYR A 23 24.02 14.98 10.53
N LEU A 24 23.09 15.16 11.45
CA LEU A 24 23.04 16.34 12.31
C LEU A 24 23.73 15.94 13.61
N GLU A 25 25.02 16.33 13.67
CA GLU A 25 25.89 15.97 14.78
C GLU A 25 25.33 16.59 16.04
N GLU A 26 24.69 17.75 15.87
CA GLU A 26 24.14 18.59 16.91
C GLU A 26 22.86 18.01 17.50
N SER A 27 22.31 16.98 16.89
CA SER A 27 21.05 16.44 17.39
C SER A 27 21.02 14.95 17.29
N CYS A 28 22.13 14.30 16.95
CA CYS A 28 22.15 12.84 16.86
C CYS A 28 21.01 12.42 15.92
N SER A 29 20.98 12.99 14.72
CA SER A 29 19.82 12.72 13.88
C SER A 29 20.22 12.64 12.39
N THR A 30 19.31 12.10 11.53
CA THR A 30 19.59 12.09 10.09
C THR A 30 18.44 12.68 9.27
N ILE A 31 18.83 13.20 8.12
CA ILE A 31 17.93 13.66 7.08
C ILE A 31 18.32 13.14 5.73
N THR A 32 17.35 12.62 5.02
CA THR A 32 17.61 12.04 3.73
C THR A 32 16.88 12.83 2.64
N GLU A 33 17.64 13.41 1.67
CA GLU A 33 17.04 14.22 0.61
C GLU A 33 17.18 13.59 -0.77
N GLY A 34 16.42 14.14 -1.73
CA GLY A 34 16.49 13.60 -3.06
C GLY A 34 15.34 12.68 -3.36
N TYR A 35 14.09 13.09 -3.24
CA TYR A 35 13.01 12.18 -3.55
C TYR A 35 11.98 12.71 -4.53
N LEU A 36 11.37 11.77 -5.24
CA LEU A 36 10.36 12.06 -6.22
C LEU A 36 9.05 11.53 -5.73
N SER A 37 8.05 12.37 -5.74
CA SER A 37 6.79 11.94 -5.18
C SER A 37 6.18 10.99 -6.16
N VAL A 38 5.43 10.07 -5.64
CA VAL A 38 4.46 9.37 -6.42
C VAL A 38 3.28 9.46 -5.46
N LEU A 39 2.44 10.46 -5.66
CA LEU A 39 1.40 10.74 -4.69
C LEU A 39 0.06 10.21 -5.15
N ARG A 40 -0.59 9.45 -4.29
CA ARG A 40 -1.95 9.04 -4.54
C ARG A 40 -2.85 10.22 -4.34
N THR A 41 -3.42 10.71 -5.43
CA THR A 41 -4.31 11.86 -5.41
C THR A 41 -5.74 11.45 -5.77
N GLY A 42 -5.94 10.26 -6.38
CA GLY A 42 -7.29 9.87 -6.75
C GLY A 42 -7.52 8.37 -6.85
N TRP A 43 -8.73 7.99 -7.26
CA TRP A 43 -9.12 6.59 -7.47
C TRP A 43 -9.69 6.38 -8.86
N TYR A 44 -9.17 5.35 -9.55
CA TYR A 44 -9.67 4.88 -10.83
C TYR A 44 -10.47 3.60 -10.67
N THR A 45 -11.67 3.58 -11.25
CA THR A 45 -12.56 2.46 -11.05
C THR A 45 -12.55 1.57 -12.29
N ASN A 46 -12.19 0.30 -12.08
CA ASN A 46 -12.22 -0.66 -13.18
C ASN A 46 -13.30 -1.66 -12.78
N VAL A 47 -14.41 -1.62 -13.48
CA VAL A 47 -15.50 -2.52 -13.20
C VAL A 47 -15.36 -3.71 -14.13
N PHE A 48 -15.49 -4.91 -13.58
CA PHE A 48 -15.35 -6.10 -14.39
C PHE A 48 -16.73 -6.73 -14.39
N THR A 49 -17.10 -7.28 -15.55
CA THR A 49 -18.28 -8.12 -15.74
C THR A 49 -17.94 -9.52 -16.26
N LEU A 50 -18.05 -10.52 -15.38
CA LEU A 50 -17.82 -11.92 -15.69
C LEU A 50 -19.09 -12.67 -16.09
N GLU A 51 -19.21 -13.07 -17.35
CA GLU A 51 -20.42 -13.80 -17.75
C GLU A 51 -20.26 -15.25 -17.33
N VAL A 52 -21.21 -15.73 -16.52
CA VAL A 52 -21.25 -17.11 -16.05
C VAL A 52 -22.10 -17.94 -17.02
N GLY A 53 -23.15 -17.31 -17.56
CA GLY A 53 -24.12 -17.85 -18.49
C GLY A 53 -25.40 -18.32 -17.86
N ASP A 54 -26.29 -18.78 -18.71
CA ASP A 54 -27.54 -19.22 -18.11
C ASP A 54 -27.13 -20.65 -17.74
N VAL A 55 -26.62 -20.73 -16.51
CA VAL A 55 -26.15 -21.97 -15.91
C VAL A 55 -27.09 -22.52 -14.85
N GLU A 56 -27.95 -21.68 -14.28
CA GLU A 56 -28.95 -22.14 -13.33
C GLU A 56 -29.96 -23.10 -13.96
N ASN A 57 -30.40 -22.84 -15.23
CA ASN A 57 -31.39 -23.69 -15.92
C ASN A 57 -30.80 -24.98 -16.49
N LEU A 58 -29.56 -25.34 -16.15
CA LEU A 58 -28.96 -26.63 -16.49
C LEU A 58 -28.98 -27.52 -15.23
N THR A 59 -29.34 -28.78 -15.40
CA THR A 59 -29.48 -29.78 -14.34
C THR A 59 -28.96 -31.12 -14.86
N CYS A 60 -28.35 -31.89 -13.96
CA CYS A 60 -27.90 -33.22 -14.28
C CYS A 60 -28.77 -34.21 -13.53
N ALA A 61 -29.50 -35.00 -14.33
CA ALA A 61 -30.48 -35.99 -13.93
C ALA A 61 -30.03 -37.43 -14.19
N ASP A 62 -28.82 -37.64 -14.74
CA ASP A 62 -28.35 -39.01 -15.06
C ASP A 62 -27.56 -39.54 -13.87
N GLY A 63 -28.02 -39.14 -12.69
CA GLY A 63 -27.53 -39.60 -11.41
C GLY A 63 -26.33 -38.79 -11.03
N PRO A 64 -25.53 -39.33 -10.13
CA PRO A 64 -24.33 -38.61 -9.69
C PRO A 64 -23.28 -38.65 -10.80
N SER A 65 -22.57 -37.54 -10.97
CA SER A 65 -21.63 -37.44 -12.07
C SER A 65 -20.52 -36.45 -11.68
N LEU A 66 -19.36 -36.58 -12.34
CA LEU A 66 -18.33 -35.54 -12.21
C LEU A 66 -18.80 -34.22 -12.79
N ILE A 67 -19.38 -34.22 -13.98
CA ILE A 67 -19.85 -32.94 -14.48
C ILE A 67 -20.98 -32.45 -13.57
N LYS A 68 -21.84 -33.37 -13.09
CA LYS A 68 -22.89 -32.99 -12.13
C LYS A 68 -22.32 -32.41 -10.85
N THR A 69 -21.29 -33.04 -10.30
CA THR A 69 -20.68 -32.49 -9.11
C THR A 69 -20.13 -31.09 -9.40
N GLU A 70 -19.49 -30.89 -10.58
CA GLU A 70 -18.98 -29.55 -10.95
C GLU A 70 -20.12 -28.56 -11.17
N LEU A 71 -21.24 -29.01 -11.71
CA LEU A 71 -22.34 -28.09 -11.89
C LEU A 71 -22.95 -27.73 -10.55
N ASP A 72 -23.07 -28.70 -9.65
CA ASP A 72 -23.62 -28.46 -8.32
C ASP A 72 -22.67 -27.59 -7.50
N LEU A 73 -21.37 -27.83 -7.63
CA LEU A 73 -20.39 -26.93 -7.01
C LEU A 73 -20.50 -25.53 -7.56
N THR A 74 -20.66 -25.39 -8.88
CA THR A 74 -20.68 -24.07 -9.46
C THR A 74 -21.92 -23.33 -9.05
N LYS A 75 -23.04 -24.05 -9.05
CA LYS A 75 -24.28 -23.44 -8.64
C LYS A 75 -24.28 -23.16 -7.14
N SER A 76 -23.64 -24.03 -6.32
CA SER A 76 -23.55 -23.76 -4.88
C SER A 76 -22.65 -22.55 -4.59
N ALA A 77 -21.54 -22.39 -5.31
CA ALA A 77 -20.71 -21.21 -5.08
C ALA A 77 -21.44 -19.95 -5.55
N LEU A 78 -22.16 -20.06 -6.67
CA LEU A 78 -22.90 -18.92 -7.16
C LEU A 78 -24.05 -18.54 -6.23
N ARG A 79 -24.75 -19.54 -5.68
CA ARG A 79 -25.85 -19.22 -4.78
C ARG A 79 -25.31 -18.75 -3.45
N ASP A 80 -24.16 -19.29 -3.04
CA ASP A 80 -23.49 -18.79 -1.85
C ASP A 80 -23.08 -17.32 -2.06
N LEU A 81 -22.68 -16.93 -3.27
CA LEU A 81 -22.38 -15.52 -3.48
C LEU A 81 -23.64 -14.66 -3.56
N ARG A 82 -24.81 -15.30 -3.71
CA ARG A 82 -26.10 -14.63 -3.82
C ARG A 82 -26.73 -14.51 -2.43
N THR A 83 -26.10 -15.18 -1.46
CA THR A 83 -26.34 -15.07 -0.04
C THR A 83 -25.31 -14.16 0.59
N VAL A 84 -24.77 -13.25 -0.20
CA VAL A 84 -23.81 -12.33 0.36
C VAL A 84 -24.37 -10.94 0.22
N SER A 85 -24.39 -10.21 1.35
CA SER A 85 -24.85 -8.83 1.41
C SER A 85 -24.23 -8.02 2.55
N ALA A 86 -23.81 -6.79 2.20
CA ALA A 86 -23.25 -5.76 3.08
C ALA A 86 -24.50 -4.89 3.26
N ASP A 87 -24.43 -3.71 3.88
CA ASP A 87 -25.71 -2.90 3.91
C ASP A 87 -25.61 -1.48 3.32
N LEU A 106 -9.09 4.21 10.18
CA LEU A 106 -7.99 3.28 9.89
C LEU A 106 -6.83 4.04 9.13
N GLY A 107 -6.01 4.83 9.86
CA GLY A 107 -4.87 5.54 9.29
C GLY A 107 -5.23 6.79 8.51
N VAL A 108 -6.54 7.13 8.46
CA VAL A 108 -7.30 8.21 7.78
C VAL A 108 -7.52 8.14 6.25
N ALA A 109 -6.46 7.96 5.43
CA ALA A 109 -6.60 7.97 3.96
C ALA A 109 -7.52 6.88 3.45
N THR A 110 -7.34 5.69 3.99
CA THR A 110 -8.15 4.55 3.63
C THR A 110 -9.62 4.77 3.97
N ALA A 111 -9.95 5.37 5.13
CA ALA A 111 -11.38 5.57 5.44
C ALA A 111 -12.05 6.57 4.51
N ALA A 112 -11.37 7.64 4.13
CA ALA A 112 -11.99 8.54 3.18
C ALA A 112 -12.14 7.83 1.84
N ALA A 113 -11.14 7.00 1.50
CA ALA A 113 -11.13 6.22 0.26
C ALA A 113 -12.30 5.22 0.21
N VAL A 114 -12.60 4.60 1.33
CA VAL A 114 -13.70 3.62 1.36
C VAL A 114 -15.00 4.36 1.17
N THR A 115 -15.12 5.54 1.75
CA THR A 115 -16.36 6.26 1.48
C THR A 115 -16.50 6.47 -0.04
N CYS A 116 -15.39 6.77 -0.75
CA CYS A 116 -15.46 6.71 -2.24
C CYS A 116 -16.03 5.39 -2.75
N GLY A 117 -15.37 4.31 -2.40
CA GLY A 117 -15.77 3.02 -2.95
C GLY A 117 -17.25 2.74 -2.76
N VAL A 118 -17.79 3.10 -1.59
CA VAL A 118 -19.21 2.85 -1.34
C VAL A 118 -20.03 3.69 -2.24
N ALA A 119 -19.52 4.87 -2.53
CA ALA A 119 -20.28 5.76 -3.37
C ALA A 119 -20.41 5.10 -4.74
N ILE A 120 -19.33 4.45 -5.19
CA ILE A 120 -19.43 3.86 -6.53
C ILE A 120 -20.24 2.57 -6.59
N ALA A 121 -20.22 1.72 -5.58
CA ALA A 121 -21.15 0.59 -5.68
C ALA A 121 -22.60 1.03 -5.66
N LYS A 122 -22.89 2.12 -4.92
CA LYS A 122 -24.25 2.65 -4.89
C LYS A 122 -24.69 3.12 -6.25
N CYS A 123 -23.99 4.14 -6.77
CA CYS A 123 -24.42 4.74 -8.06
C CYS A 123 -24.45 3.68 -9.16
N ILE A 124 -24.04 2.44 -8.87
CA ILE A 124 -23.96 1.41 -9.94
C ILE A 124 -25.35 0.82 -10.16
N ARG A 125 -25.93 0.22 -9.12
CA ARG A 125 -27.29 -0.36 -9.23
C ARG A 125 -28.26 0.78 -9.56
N LEU A 126 -27.84 2.02 -9.29
CA LEU A 126 -28.69 3.20 -9.60
C LEU A 126 -29.04 3.19 -11.10
N GLU A 127 -30.32 3.74 -11.35
CA GLU A 127 -30.87 3.79 -12.74
C GLU A 127 -30.47 2.50 -13.49
N SER A 128 -30.34 1.41 -12.81
CA SER A 128 -29.95 0.11 -13.39
C SER A 128 -28.83 0.38 -14.38
N GLU A 129 -27.87 1.20 -14.06
CA GLU A 129 -26.78 1.50 -15.01
C GLU A 129 -26.27 0.18 -15.60
N VAL A 130 -26.45 -0.90 -14.76
CA VAL A 130 -26.19 -2.27 -15.28
C VAL A 130 -26.77 -2.35 -16.69
N THR A 131 -28.05 -2.20 -16.82
CA THR A 131 -28.77 -2.31 -18.11
C THR A 131 -28.02 -1.46 -19.15
N ALA A 132 -27.73 -0.21 -18.80
CA ALA A 132 -26.97 0.67 -19.71
C ALA A 132 -25.62 0.02 -20.01
N ILE A 133 -24.74 -0.10 -19.08
CA ILE A 133 -23.37 -0.62 -19.35
C ILE A 133 -23.48 -2.00 -20.00
N LYS A 134 -24.56 -2.76 -19.62
CA LYS A 134 -24.78 -4.07 -20.28
C LYS A 134 -24.91 -3.82 -21.79
N ASN A 135 -25.87 -2.99 -22.18
CA ASN A 135 -25.99 -2.66 -23.60
C ASN A 135 -24.63 -2.27 -24.17
N ALA A 136 -23.88 -1.41 -23.41
CA ALA A 136 -22.54 -0.95 -23.81
C ALA A 136 -21.45 -2.01 -23.88
N LEU A 137 -21.53 -3.11 -23.13
CA LEU A 137 -20.42 -4.03 -23.25
C LEU A 137 -20.76 -5.26 -24.08
N LYS A 138 -21.96 -5.33 -24.68
CA LYS A 138 -22.24 -6.46 -25.56
C LYS A 138 -21.33 -6.29 -26.78
N LYS A 139 -21.26 -5.01 -27.21
CA LYS A 139 -20.60 -4.54 -28.41
C LYS A 139 -19.12 -4.83 -28.41
N THR A 140 -18.49 -4.81 -27.23
CA THR A 140 -17.05 -4.98 -27.08
C THR A 140 -16.69 -5.56 -25.70
N ASN A 141 -15.43 -6.04 -25.55
CA ASN A 141 -14.96 -6.60 -24.28
C ASN A 141 -14.22 -5.58 -23.42
N GLU A 142 -14.03 -4.37 -23.92
CA GLU A 142 -13.38 -3.33 -23.15
C GLU A 142 -13.89 -2.01 -23.70
N ALA A 143 -14.30 -1.12 -22.78
CA ALA A 143 -14.82 0.21 -23.20
C ALA A 143 -14.87 1.16 -21.99
N VAL A 144 -14.85 2.57 -22.52
CA VAL A 144 -14.97 3.68 -21.51
C VAL A 144 -16.41 4.24 -21.55
N SER A 145 -16.97 4.60 -20.40
CA SER A 145 -18.37 5.14 -20.39
C SER A 145 -18.66 5.92 -19.10
N THR A 146 -19.24 7.12 -19.24
CA THR A 146 -19.69 7.89 -18.05
C THR A 146 -20.82 7.13 -17.37
N LEU A 147 -20.71 6.95 -16.04
CA LEU A 147 -21.79 6.29 -15.27
C LEU A 147 -22.79 7.36 -14.81
N GLY A 148 -23.99 6.95 -14.37
CA GLY A 148 -24.97 7.94 -13.88
C GLY A 148 -24.25 9.04 -13.12
N CYS A 149 -23.44 8.66 -12.14
CA CYS A 149 -22.61 9.67 -11.41
C CYS A 149 -21.16 9.50 -11.85
N GLY A 150 -20.82 8.33 -12.40
CA GLY A 150 -19.43 8.04 -12.78
C GLY A 150 -18.93 8.97 -13.87
N PRO A 151 -17.76 9.61 -13.71
CA PRO A 151 -17.19 10.45 -14.76
C PRO A 151 -16.44 9.57 -15.76
N ARG A 152 -17.18 8.88 -16.64
CA ARG A 152 -16.56 7.99 -17.66
C ARG A 152 -15.72 6.92 -16.96
N VAL A 153 -16.36 5.88 -16.44
CA VAL A 153 -15.63 4.80 -15.71
C VAL A 153 -15.20 3.72 -16.71
N LEU A 154 -14.34 2.79 -16.27
CA LEU A 154 -13.84 1.73 -17.18
C LEU A 154 -14.67 0.45 -17.02
N ALA A 155 -15.00 -0.20 -18.14
CA ALA A 155 -15.75 -1.44 -18.10
C ALA A 155 -14.98 -2.50 -18.88
N THR A 156 -14.86 -3.69 -18.32
CA THR A 156 -14.06 -4.72 -18.94
C THR A 156 -14.93 -5.93 -18.92
N ALA A 157 -15.01 -6.61 -20.05
CA ALA A 157 -15.79 -7.83 -20.09
C ALA A 157 -14.94 -9.08 -20.16
N VAL A 158 -15.37 -10.09 -19.41
CA VAL A 158 -14.77 -11.43 -19.42
C VAL A 158 -15.97 -12.38 -19.53
N ARG A 159 -16.16 -12.97 -20.71
CA ARG A 159 -17.40 -13.65 -21.09
C ARG A 159 -17.13 -15.12 -21.41
N GLU A 160 -15.89 -15.57 -21.23
CA GLU A 160 -15.48 -16.90 -21.68
C GLU A 160 -16.37 -17.95 -21.03
N LEU A 161 -16.65 -17.81 -19.74
CA LEU A 161 -17.45 -18.81 -19.07
C LEU A 161 -18.87 -18.92 -19.63
N LYS A 162 -19.57 -17.79 -19.90
CA LYS A 162 -20.92 -17.92 -20.52
C LYS A 162 -20.87 -18.54 -21.91
N ASP A 163 -19.91 -18.11 -22.75
CA ASP A 163 -19.88 -18.64 -24.12
C ASP A 163 -19.60 -20.14 -24.10
N PHE A 164 -18.70 -20.56 -23.22
CA PHE A 164 -18.45 -22.01 -23.08
C PHE A 164 -19.71 -22.66 -22.52
N VAL A 165 -20.26 -22.06 -21.47
CA VAL A 165 -21.45 -22.64 -20.85
C VAL A 165 -22.54 -22.69 -21.89
N SER A 166 -22.69 -21.62 -22.66
CA SER A 166 -23.76 -21.56 -23.65
C SER A 166 -23.44 -22.46 -24.86
N LYS A 167 -22.24 -22.31 -25.49
CA LYS A 167 -21.99 -23.01 -26.76
C LYS A 167 -21.59 -24.47 -26.58
N ASN A 168 -20.30 -24.74 -26.26
CA ASN A 168 -19.80 -26.11 -26.26
C ASN A 168 -20.48 -26.93 -25.17
N LEU A 169 -20.47 -26.43 -23.92
CA LEU A 169 -20.92 -27.21 -22.77
C LEU A 169 -22.46 -27.40 -22.77
N THR A 170 -23.26 -26.33 -22.99
CA THR A 170 -24.73 -26.47 -22.90
C THR A 170 -25.27 -27.43 -23.97
N ARG A 171 -24.69 -27.46 -25.18
CA ARG A 171 -25.20 -28.45 -26.12
C ARG A 171 -24.95 -29.87 -25.60
N ALA A 172 -23.82 -30.12 -24.92
CA ALA A 172 -23.53 -31.46 -24.40
C ALA A 172 -24.38 -31.80 -23.17
N ILE A 173 -24.92 -30.77 -22.49
CA ILE A 173 -25.80 -30.93 -21.33
C ILE A 173 -27.27 -30.83 -21.74
N ASN A 174 -27.57 -30.87 -23.05
CA ASN A 174 -29.00 -30.88 -23.32
C ASN A 174 -29.43 -32.30 -23.01
N LYS A 175 -30.72 -32.42 -22.74
CA LYS A 175 -31.30 -33.70 -22.45
C LYS A 175 -30.74 -34.29 -21.13
N ASN A 176 -30.18 -33.46 -20.23
CA ASN A 176 -29.98 -33.78 -18.80
C ASN A 176 -29.00 -34.95 -18.64
N LYS A 177 -28.14 -35.17 -19.65
CA LYS A 177 -27.14 -36.23 -19.60
C LYS A 177 -25.70 -35.78 -19.32
N CYS A 178 -25.23 -36.05 -18.09
CA CYS A 178 -23.91 -35.63 -17.67
C CYS A 178 -22.85 -36.73 -17.56
N ASP A 179 -23.18 -38.03 -17.46
CA ASP A 179 -22.10 -39.02 -17.43
C ASP A 179 -21.66 -39.28 -18.86
N ILE A 180 -21.27 -38.23 -19.55
CA ILE A 180 -20.97 -38.51 -20.94
C ILE A 180 -19.58 -39.10 -20.97
N PRO A 181 -19.28 -39.86 -22.02
CA PRO A 181 -17.93 -40.44 -22.14
C PRO A 181 -16.88 -39.39 -22.45
N ASP A 182 -17.30 -38.14 -22.70
CA ASP A 182 -16.36 -37.07 -23.03
C ASP A 182 -15.92 -36.54 -21.67
N LEU A 183 -14.73 -36.98 -21.29
CA LEU A 183 -14.13 -36.51 -20.08
C LEU A 183 -13.50 -35.14 -20.27
N LYS A 184 -13.15 -34.81 -21.51
CA LYS A 184 -12.68 -33.46 -21.88
C LYS A 184 -13.66 -32.36 -21.46
N MET A 185 -14.95 -32.65 -21.53
CA MET A 185 -15.97 -31.66 -21.18
C MET A 185 -15.87 -31.29 -19.69
N ALA A 186 -15.68 -32.30 -18.82
CA ALA A 186 -15.54 -32.04 -17.38
C ALA A 186 -14.28 -31.23 -17.04
N VAL A 187 -13.15 -31.52 -17.69
CA VAL A 187 -11.92 -30.78 -17.38
C VAL A 187 -11.95 -29.35 -17.88
N SER A 188 -12.54 -29.10 -19.05
CA SER A 188 -12.68 -27.71 -19.46
C SER A 188 -13.56 -26.97 -18.46
N PHE A 189 -14.65 -27.60 -18.00
CA PHE A 189 -15.53 -26.98 -17.02
C PHE A 189 -14.84 -26.58 -15.70
N SER A 190 -14.07 -27.49 -15.07
CA SER A 190 -13.41 -27.11 -13.81
C SER A 190 -12.30 -26.08 -13.98
N GLN A 191 -11.67 -26.04 -15.16
CA GLN A 191 -10.65 -25.03 -15.42
C GLN A 191 -11.26 -23.66 -15.64
N PHE A 192 -12.40 -23.62 -16.34
CA PHE A 192 -12.98 -22.35 -16.72
C PHE A 192 -13.75 -21.74 -15.55
N ASN A 193 -14.28 -22.57 -14.66
CA ASN A 193 -14.98 -21.94 -13.58
C ASN A 193 -14.03 -21.74 -12.42
N ARG A 194 -12.77 -22.23 -12.54
CA ARG A 194 -11.80 -22.06 -11.46
C ARG A 194 -11.64 -20.57 -11.21
N ARG A 195 -11.58 -19.77 -12.28
CA ARG A 195 -11.37 -18.36 -12.03
C ARG A 195 -12.57 -17.84 -11.25
N PHE A 196 -13.76 -18.25 -11.65
CA PHE A 196 -14.92 -17.79 -10.90
C PHE A 196 -14.95 -18.30 -9.47
N LEU A 197 -14.60 -19.58 -9.22
CA LEU A 197 -14.57 -20.15 -7.86
C LEU A 197 -13.55 -19.50 -6.96
N ASN A 198 -12.35 -19.26 -7.46
CA ASN A 198 -11.39 -18.58 -6.61
C ASN A 198 -11.89 -17.15 -6.42
N VAL A 199 -12.52 -16.58 -7.45
CA VAL A 199 -13.13 -15.27 -7.32
C VAL A 199 -14.17 -15.30 -6.21
N VAL A 200 -14.92 -16.38 -6.14
CA VAL A 200 -15.92 -16.54 -5.09
C VAL A 200 -15.24 -16.72 -3.75
N ARG A 201 -14.15 -17.52 -3.69
CA ARG A 201 -13.41 -17.67 -2.44
C ARG A 201 -12.95 -16.30 -1.98
N GLN A 202 -12.41 -15.50 -2.90
CA GLN A 202 -11.84 -14.21 -2.54
C GLN A 202 -12.94 -13.25 -2.07
N PHE A 203 -14.14 -13.36 -2.64
CA PHE A 203 -15.20 -12.49 -2.14
C PHE A 203 -15.94 -13.02 -0.92
N SER A 204 -16.11 -14.33 -0.80
CA SER A 204 -16.82 -14.87 0.34
C SER A 204 -15.97 -14.84 1.61
N ASP A 205 -14.65 -15.08 1.46
CA ASP A 205 -13.70 -15.14 2.57
C ASP A 205 -13.43 -13.75 3.19
N ASN A 206 -13.53 -12.66 2.43
CA ASN A 206 -13.14 -11.35 2.96
C ASN A 206 -14.33 -10.41 3.22
N ALA A 207 -15.56 -10.94 3.26
CA ALA A 207 -16.78 -10.20 3.57
C ALA A 207 -16.96 -8.97 2.64
N GLY A 208 -16.56 -9.15 1.38
CA GLY A 208 -16.81 -8.26 0.24
C GLY A 208 -15.79 -7.19 -0.17
N ILE A 209 -14.74 -6.90 0.62
CA ILE A 209 -13.77 -5.88 0.21
C ILE A 209 -12.34 -6.39 0.36
N THR A 210 -11.74 -6.86 -0.72
CA THR A 210 -10.38 -7.31 -0.56
C THR A 210 -9.52 -6.07 -0.33
N PRO A 211 -8.45 -6.18 0.46
CA PRO A 211 -7.52 -5.04 0.64
C PRO A 211 -6.60 -4.76 -0.61
N ALA A 212 -6.41 -5.74 -1.53
CA ALA A 212 -5.62 -5.56 -2.78
C ALA A 212 -6.22 -6.37 -3.94
N ILE A 213 -5.52 -6.35 -5.08
CA ILE A 213 -5.90 -6.98 -6.35
C ILE A 213 -5.13 -8.28 -6.64
N SER A 214 -5.76 -9.44 -6.48
CA SER A 214 -4.94 -10.60 -6.81
C SER A 214 -4.84 -10.73 -8.33
N LEU A 215 -3.97 -11.64 -8.81
CA LEU A 215 -3.81 -11.92 -10.24
C LEU A 215 -5.00 -12.67 -10.78
N ASP A 216 -5.88 -13.13 -9.89
CA ASP A 216 -7.14 -13.80 -10.18
C ASP A 216 -8.31 -12.80 -10.24
N LEU A 217 -8.21 -11.66 -9.53
CA LEU A 217 -9.16 -10.55 -9.66
C LEU A 217 -9.01 -9.80 -10.97
N MET A 218 -7.78 -9.68 -11.43
CA MET A 218 -7.43 -8.85 -12.57
C MET A 218 -6.11 -9.37 -13.06
N THR A 219 -6.08 -9.93 -14.26
CA THR A 219 -4.76 -10.39 -14.64
C THR A 219 -3.95 -9.18 -14.98
N ASP A 220 -2.69 -9.45 -15.25
CA ASP A 220 -1.80 -8.36 -15.61
C ASP A 220 -2.21 -7.65 -16.89
N ALA A 221 -2.67 -8.35 -17.93
CA ALA A 221 -3.05 -7.58 -19.13
C ALA A 221 -4.28 -6.71 -18.82
N GLU A 222 -5.24 -7.23 -18.07
CA GLU A 222 -6.39 -6.42 -17.72
C GLU A 222 -5.98 -5.32 -16.75
N LEU A 223 -5.06 -5.66 -15.83
CA LEU A 223 -4.52 -4.65 -14.93
C LEU A 223 -3.82 -3.54 -15.67
N ALA A 224 -3.03 -3.88 -16.66
CA ALA A 224 -2.37 -2.92 -17.51
C ALA A 224 -3.34 -2.10 -18.36
N ARG A 225 -4.44 -2.69 -18.84
CA ARG A 225 -5.34 -1.89 -19.67
C ARG A 225 -6.02 -0.86 -18.79
N ALA A 226 -6.35 -1.26 -17.57
CA ALA A 226 -6.99 -0.33 -16.67
C ALA A 226 -6.02 0.74 -16.17
N VAL A 227 -4.77 0.37 -15.82
CA VAL A 227 -3.82 1.36 -15.34
C VAL A 227 -3.53 2.39 -16.44
N SER A 228 -3.38 1.88 -17.67
CA SER A 228 -3.15 2.69 -18.85
C SER A 228 -4.29 3.64 -19.16
N ASN A 229 -5.50 3.34 -18.74
CA ASN A 229 -6.60 4.22 -19.11
C ASN A 229 -6.87 5.38 -18.12
N MET A 230 -6.02 5.53 -17.11
CA MET A 230 -6.15 6.51 -16.05
C MET A 230 -5.96 7.94 -16.60
N PRO A 231 -6.64 8.94 -16.00
CA PRO A 231 -6.60 10.41 -16.31
C PRO A 231 -5.47 11.24 -15.71
N THR A 232 -4.23 11.12 -16.18
CA THR A 232 -3.16 11.99 -15.67
C THR A 232 -2.16 12.17 -16.81
N SER A 233 -1.02 12.80 -16.54
CA SER A 233 -0.12 13.17 -17.62
C SER A 233 0.75 11.95 -17.94
N ALA A 234 1.58 12.04 -18.97
CA ALA A 234 2.23 10.84 -19.46
C ALA A 234 3.22 10.24 -18.46
N GLY A 235 4.06 11.07 -17.83
CA GLY A 235 5.03 10.52 -16.91
C GLY A 235 4.39 9.75 -15.77
N GLN A 236 3.25 10.23 -15.25
CA GLN A 236 2.56 9.50 -14.18
C GLN A 236 2.00 8.13 -14.62
N ILE A 237 1.32 8.03 -15.76
CA ILE A 237 0.80 6.70 -16.13
C ILE A 237 1.91 5.72 -16.44
N LYS A 238 2.96 6.21 -17.10
CA LYS A 238 4.09 5.36 -17.44
C LYS A 238 4.81 4.85 -16.19
N LEU A 239 5.05 5.76 -15.24
CA LEU A 239 5.71 5.39 -13.99
C LEU A 239 4.83 4.43 -13.17
N MET A 240 3.51 4.67 -13.11
CA MET A 240 2.60 3.78 -12.35
C MET A 240 2.59 2.39 -12.97
N LEU A 241 2.67 2.35 -14.29
CA LEU A 241 2.68 1.12 -15.03
C LEU A 241 3.93 0.30 -14.67
N GLU A 242 5.08 0.97 -14.63
CA GLU A 242 6.35 0.28 -14.29
C GLU A 242 6.14 -0.62 -13.05
N ASN A 243 5.69 0.00 -11.96
CA ASN A 243 5.68 -0.55 -10.62
C ASN A 243 4.27 -0.90 -10.32
N ARG A 244 3.68 -1.65 -11.25
CA ARG A 244 2.26 -1.84 -11.14
C ARG A 244 1.91 -2.73 -10.00
N ALA A 245 2.90 -3.38 -9.41
CA ALA A 245 2.63 -4.13 -8.18
C ALA A 245 2.22 -3.18 -7.03
N MET A 246 2.70 -1.91 -7.03
CA MET A 246 2.23 -0.92 -6.03
C MET A 246 0.83 -0.44 -6.32
N VAL A 247 0.48 -0.32 -7.59
CA VAL A 247 -0.92 -0.07 -7.89
C VAL A 247 -1.76 -1.23 -7.37
N ARG A 248 -1.31 -2.49 -7.56
CA ARG A 248 -2.01 -3.63 -6.95
C ARG A 248 -2.15 -3.48 -5.43
N ARG A 249 -1.05 -3.15 -4.74
CA ARG A 249 -1.06 -3.14 -3.28
C ARG A 249 -1.90 -2.01 -2.70
N LYS A 250 -1.98 -0.90 -3.39
CA LYS A 250 -2.66 0.28 -2.88
C LYS A 250 -4.10 0.35 -3.33
N GLY A 251 -4.53 -0.57 -4.18
CA GLY A 251 -5.89 -0.60 -4.60
C GLY A 251 -6.58 -1.69 -3.82
N PHE A 252 -7.86 -1.84 -4.10
CA PHE A 252 -8.70 -2.81 -3.40
C PHE A 252 -9.94 -3.10 -4.24
N GLY A 253 -10.71 -4.07 -3.78
CA GLY A 253 -11.85 -4.55 -4.53
C GLY A 253 -13.12 -4.53 -3.74
N ILE A 254 -14.20 -4.26 -4.47
CA ILE A 254 -15.54 -4.17 -3.93
C ILE A 254 -16.52 -5.08 -4.69
N LEU A 255 -17.29 -5.88 -3.93
CA LEU A 255 -18.31 -6.68 -4.57
C LEU A 255 -19.48 -5.78 -4.94
N ILE A 256 -19.92 -5.83 -6.19
CA ILE A 256 -21.13 -5.08 -6.51
C ILE A 256 -22.39 -5.94 -6.40
N GLY A 257 -22.38 -7.16 -6.98
CA GLY A 257 -23.44 -8.15 -6.87
C GLY A 257 -23.60 -9.09 -8.07
N VAL A 258 -24.52 -10.04 -7.90
CA VAL A 258 -24.91 -11.04 -8.90
C VAL A 258 -26.30 -10.81 -9.48
N TYR A 259 -26.43 -10.70 -10.81
CA TYR A 259 -27.75 -10.46 -11.37
C TYR A 259 -28.12 -11.46 -12.46
N GLY A 260 -28.92 -12.51 -12.18
CA GLY A 260 -29.08 -13.47 -13.26
C GLY A 260 -27.85 -14.32 -13.61
N SER A 261 -27.37 -14.18 -14.87
CA SER A 261 -26.17 -14.84 -15.33
C SER A 261 -24.94 -13.93 -15.40
N SER A 262 -24.99 -12.74 -14.81
CA SER A 262 -23.86 -11.80 -14.84
C SER A 262 -23.21 -11.67 -13.45
N VAL A 263 -21.86 -11.89 -13.36
CA VAL A 263 -21.04 -11.56 -12.17
C VAL A 263 -20.44 -10.15 -12.25
N ILE A 264 -20.64 -9.34 -11.20
CA ILE A 264 -20.19 -7.95 -11.23
C ILE A 264 -19.25 -7.52 -10.09
N TYR A 265 -18.01 -7.06 -10.39
CA TYR A 265 -17.24 -6.48 -9.26
C TYR A 265 -16.51 -5.23 -9.73
N MET A 266 -15.98 -4.46 -8.78
CA MET A 266 -15.21 -3.26 -9.14
C MET A 266 -13.88 -3.24 -8.40
N VAL A 267 -12.86 -2.68 -9.05
CA VAL A 267 -11.54 -2.55 -8.44
C VAL A 267 -11.14 -1.08 -8.37
N GLN A 268 -10.90 -0.57 -7.16
CA GLN A 268 -10.37 0.78 -6.96
C GLN A 268 -8.84 0.78 -6.97
N LEU A 269 -8.29 1.40 -7.98
CA LEU A 269 -6.88 1.54 -8.26
C LEU A 269 -6.43 2.95 -7.91
N PRO A 270 -5.38 3.13 -7.14
CA PRO A 270 -4.92 4.49 -6.81
C PRO A 270 -4.33 5.17 -8.03
N ILE A 271 -4.76 6.39 -8.26
CA ILE A 271 -4.21 7.22 -9.31
C ILE A 271 -3.16 8.08 -8.62
N PHE A 272 -1.90 7.77 -8.93
CA PHE A 272 -0.78 8.57 -8.45
C PHE A 272 -0.59 9.69 -9.45
N GLY A 273 -1.40 10.70 -9.27
CA GLY A 273 -1.59 11.82 -10.16
C GLY A 273 -0.53 12.85 -9.99
N VAL A 274 0.27 12.69 -8.94
CA VAL A 274 1.39 13.57 -8.63
C VAL A 274 2.69 12.79 -8.54
N ILE A 275 3.68 13.25 -9.29
CA ILE A 275 5.00 12.67 -9.33
C ILE A 275 6.07 13.78 -9.33
N ASP A 276 7.25 13.44 -8.77
CA ASP A 276 8.51 14.20 -8.88
C ASP A 276 8.57 15.54 -8.16
N THR A 277 7.86 15.70 -7.07
CA THR A 277 8.03 16.82 -6.14
C THR A 277 8.96 16.47 -4.98
N PRO A 278 9.57 17.47 -4.32
CA PRO A 278 10.56 17.17 -3.28
C PRO A 278 9.92 16.43 -2.14
N CYS A 279 10.55 15.36 -1.71
CA CYS A 279 10.19 14.75 -0.45
C CYS A 279 11.51 14.56 0.27
N TRP A 280 11.43 14.44 1.57
CA TRP A 280 12.63 14.14 2.32
C TRP A 280 12.17 13.44 3.58
N ILE A 281 13.05 12.65 4.15
CA ILE A 281 12.63 11.90 5.32
C ILE A 281 13.53 12.16 6.52
N VAL A 282 12.91 12.24 7.71
CA VAL A 282 13.60 12.52 8.97
C VAL A 282 13.58 11.36 9.96
N LYS A 283 14.78 10.94 10.38
CA LYS A 283 15.08 10.00 11.48
C LYS A 283 15.83 10.65 12.63
N ALA A 284 15.68 10.04 13.80
CA ALA A 284 16.29 10.56 15.00
C ALA A 284 16.53 9.41 15.97
N ALA A 285 17.45 9.65 16.88
CA ALA A 285 17.79 8.67 17.90
C ALA A 285 17.97 9.40 19.22
N PRO A 286 17.84 8.69 20.33
CA PRO A 286 17.91 9.30 21.66
C PRO A 286 19.23 9.99 21.99
N SER A 287 19.13 11.26 22.40
CA SER A 287 20.30 11.99 22.89
C SER A 287 20.31 11.95 24.44
N CYS A 288 21.25 11.18 25.02
CA CYS A 288 21.39 10.92 26.47
C CYS A 288 22.70 11.46 27.04
N SER A 289 22.59 12.11 28.19
CA SER A 289 23.70 12.61 28.95
C SER A 289 23.71 11.98 30.34
N GLU A 290 24.90 11.65 30.83
CA GLU A 290 25.01 10.95 32.10
C GLU A 290 25.87 11.80 33.00
N LYS A 291 25.38 11.90 34.23
CA LYS A 291 26.07 12.55 35.32
C LYS A 291 25.89 11.70 36.56
N LYS A 292 27.00 11.28 37.15
CA LYS A 292 27.01 10.55 38.41
C LYS A 292 26.19 9.26 38.32
N GLY A 293 26.28 8.58 37.19
CA GLY A 293 25.59 7.31 37.09
C GLY A 293 24.12 7.46 36.81
N ASN A 294 23.64 8.70 36.68
CA ASN A 294 22.26 9.04 36.38
C ASN A 294 22.12 9.68 34.99
N TYR A 295 20.97 9.48 34.34
CA TYR A 295 20.77 9.91 32.96
C TYR A 295 19.66 10.96 32.85
N ALA A 296 19.88 11.95 31.96
CA ALA A 296 18.85 12.86 31.43
C ALA A 296 18.81 12.70 29.91
N CYS A 297 17.63 12.36 29.37
CA CYS A 297 17.56 12.04 27.95
C CYS A 297 16.46 12.80 27.25
N LEU A 298 16.69 13.15 25.97
CA LEU A 298 15.57 13.66 25.21
C LEU A 298 15.55 13.11 23.78
N LEU A 299 14.35 13.13 23.18
CA LEU A 299 14.15 12.60 21.83
C LEU A 299 13.12 13.35 20.97
N ARG A 300 13.56 13.77 19.78
CA ARG A 300 12.68 14.37 18.77
C ARG A 300 11.64 13.37 18.31
N GLU A 301 10.40 13.83 18.23
CA GLU A 301 9.21 13.07 17.82
C GLU A 301 8.69 13.51 16.46
N ASP A 302 9.56 14.06 15.64
CA ASP A 302 9.17 14.46 14.31
C ASP A 302 9.68 13.56 13.18
N GLN A 303 9.91 12.30 13.52
CA GLN A 303 10.34 11.31 12.55
C GLN A 303 9.20 11.02 11.58
N GLY A 304 9.56 10.58 10.37
CA GLY A 304 8.58 10.23 9.34
C GLY A 304 8.84 10.99 8.04
N TRP A 305 7.83 10.98 7.13
CA TRP A 305 7.95 11.52 5.78
C TRP A 305 7.45 12.97 5.63
N TYR A 306 8.11 13.78 4.77
CA TYR A 306 7.69 15.14 4.45
C TYR A 306 7.67 15.35 2.92
N CYS A 307 6.60 15.97 2.39
CA CYS A 307 6.52 16.26 0.95
C CYS A 307 6.00 17.68 0.66
N GLN A 308 6.53 18.27 -0.42
CA GLN A 308 6.15 19.62 -0.89
C GLN A 308 5.12 19.53 -1.99
N ASN A 309 3.87 19.56 -1.55
CA ASN A 309 2.75 19.48 -2.47
C ASN A 309 1.88 20.71 -2.35
N ALA A 310 1.63 21.35 -3.49
CA ALA A 310 0.65 22.44 -3.60
C ALA A 310 0.86 23.58 -2.61
N GLY A 311 2.12 23.87 -2.25
CA GLY A 311 2.46 25.06 -1.47
C GLY A 311 2.56 24.83 0.01
N SER A 312 2.40 23.59 0.43
CA SER A 312 2.43 23.19 1.80
C SER A 312 3.31 21.95 1.95
N THR A 313 3.69 21.66 3.19
CA THR A 313 4.51 20.50 3.50
C THR A 313 3.56 19.54 4.19
N VAL A 314 3.57 18.30 3.71
CA VAL A 314 2.67 17.27 4.19
C VAL A 314 3.51 16.28 4.96
N TYR A 315 3.09 15.99 6.20
CA TYR A 315 3.78 15.03 7.07
C TYR A 315 3.01 13.70 7.08
N TYR A 316 3.70 12.61 6.74
CA TYR A 316 3.19 11.24 6.73
C TYR A 316 3.90 10.61 7.93
N PRO A 317 3.30 10.63 9.14
CA PRO A 317 4.06 10.27 10.35
C PRO A 317 4.29 8.76 10.51
N ASN A 318 3.51 7.97 9.79
CA ASN A 318 3.55 6.53 9.92
C ASN A 318 4.29 6.04 8.71
N GLU A 319 4.92 4.91 8.86
CA GLU A 319 5.76 4.49 7.76
C GLU A 319 4.82 4.19 6.59
N LYS A 320 3.76 3.40 6.87
CA LYS A 320 2.86 2.80 5.90
C LYS A 320 2.13 3.78 5.01
N ASP A 321 2.25 5.07 5.27
CA ASP A 321 1.46 5.98 4.48
C ASP A 321 2.26 6.28 3.22
N CYS A 322 3.58 6.12 3.34
CA CYS A 322 4.56 6.22 2.26
C CYS A 322 5.40 4.95 2.20
N GLU A 323 6.01 4.73 1.05
CA GLU A 323 6.73 3.51 0.69
C GLU A 323 7.78 3.85 -0.36
N THR A 324 9.02 3.42 -0.16
CA THR A 324 10.05 3.80 -1.11
C THR A 324 10.20 2.73 -2.17
N ARG A 325 10.61 3.15 -3.38
CA ARG A 325 11.05 2.23 -4.41
C ARG A 325 12.29 2.82 -5.11
N GLY A 326 13.49 2.56 -4.58
CA GLY A 326 14.65 3.23 -5.17
C GLY A 326 14.63 4.70 -4.81
N ASP A 327 14.90 5.56 -5.81
CA ASP A 327 14.82 7.02 -5.62
C ASP A 327 13.38 7.60 -5.60
N HIS A 328 12.34 6.84 -6.02
CA HIS A 328 10.94 7.32 -6.01
C HIS A 328 10.20 6.95 -4.72
N VAL A 329 9.31 7.82 -4.21
CA VAL A 329 8.55 7.51 -2.99
C VAL A 329 7.03 7.58 -3.22
N PHE A 330 6.34 6.46 -2.93
CA PHE A 330 4.90 6.27 -3.07
C PHE A 330 4.17 6.62 -1.78
N CYS A 331 3.36 7.66 -1.82
CA CYS A 331 2.60 8.09 -0.66
C CYS A 331 1.12 8.16 -0.95
N ASP A 332 0.29 7.83 0.01
CA ASP A 332 -1.11 8.13 -0.19
C ASP A 332 -1.23 9.51 0.46
N THR A 333 -1.52 10.54 -0.33
CA THR A 333 -1.54 11.91 0.20
C THR A 333 -2.64 12.22 1.20
N ALA A 334 -3.80 11.58 1.08
CA ALA A 334 -4.87 11.86 2.04
C ALA A 334 -4.49 11.44 3.43
N ALA A 335 -3.33 10.80 3.56
CA ALA A 335 -2.81 10.26 4.80
C ALA A 335 -1.90 11.27 5.48
N GLY A 336 -1.63 12.41 4.84
CA GLY A 336 -0.68 13.36 5.34
C GLY A 336 -1.41 14.52 6.01
N ILE A 337 -0.65 15.35 6.72
CA ILE A 337 -1.10 16.58 7.39
C ILE A 337 -0.37 17.85 6.97
N ASN A 338 -1.13 18.90 6.59
CA ASN A 338 -0.49 20.19 6.29
C ASN A 338 0.10 20.78 7.56
N VAL A 339 1.40 20.88 7.55
CA VAL A 339 2.14 21.44 8.64
C VAL A 339 2.76 22.68 8.07
N ALA A 340 3.10 23.61 8.95
CA ALA A 340 3.78 24.82 8.48
C ALA A 340 5.18 24.49 7.92
N GLU A 341 5.60 25.29 6.94
CA GLU A 341 6.93 25.25 6.29
C GLU A 341 8.11 25.41 7.27
N GLN A 342 7.84 25.62 8.57
CA GLN A 342 8.76 25.88 9.68
C GLN A 342 9.77 24.77 10.00
N SER A 343 9.64 23.54 9.46
CA SER A 343 10.57 22.48 9.84
C SER A 343 12.03 22.71 9.46
N LYS A 344 12.36 23.62 8.53
CA LYS A 344 13.81 23.66 8.38
C LYS A 344 14.44 24.41 9.54
N GLU A 345 13.68 25.27 10.26
CA GLU A 345 14.25 25.92 11.44
C GLU A 345 14.47 24.95 12.60
N CYS A 346 13.87 23.75 12.55
CA CYS A 346 14.19 22.67 13.49
C CYS A 346 15.63 22.11 13.32
N ASN A 347 16.30 22.30 12.14
CA ASN A 347 17.70 21.92 11.87
C ASN A 347 18.75 23.00 12.14
N ILE A 348 18.46 24.26 11.80
CA ILE A 348 19.41 25.38 11.87
C ILE A 348 19.61 25.79 13.33
N ASN A 349 18.54 26.29 13.96
CA ASN A 349 18.56 26.78 15.34
C ASN A 349 17.43 26.18 16.21
N ILE A 350 17.46 24.85 16.44
CA ILE A 350 16.34 24.10 17.07
C ILE A 350 15.93 24.54 18.47
N SER A 351 16.85 25.07 19.29
CA SER A 351 16.51 25.47 20.67
C SER A 351 15.79 26.82 20.68
N THR A 352 16.25 27.72 19.81
CA THR A 352 15.89 29.11 19.67
C THR A 352 14.85 29.31 18.58
N THR A 353 14.49 28.24 17.85
CA THR A 353 13.59 28.34 16.70
C THR A 353 12.22 28.83 17.18
N ASN A 354 11.49 29.49 16.26
CA ASN A 354 10.14 30.00 16.57
C ASN A 354 9.03 28.93 16.58
N TYR A 355 8.93 28.04 15.56
CA TYR A 355 7.85 27.08 15.85
C TYR A 355 8.38 26.10 16.91
N PRO A 356 7.58 25.72 17.95
CA PRO A 356 8.10 24.76 18.95
C PRO A 356 8.20 23.31 18.49
N CYS A 357 9.47 22.84 18.34
CA CYS A 357 9.77 21.50 17.85
C CYS A 357 9.27 20.52 18.89
N LYS A 358 8.47 19.54 18.50
CA LYS A 358 7.85 18.72 19.52
C LYS A 358 8.89 17.69 19.96
N VAL A 359 9.02 17.50 21.29
CA VAL A 359 9.95 16.50 21.81
C VAL A 359 9.30 15.83 23.02
N SER A 360 9.82 14.66 23.36
CA SER A 360 9.56 14.04 24.64
C SER A 360 10.85 13.96 25.45
N THR A 361 10.68 13.75 26.76
CA THR A 361 11.77 13.77 27.71
C THR A 361 11.74 12.50 28.61
N GLY A 362 12.89 12.13 29.19
CA GLY A 362 12.89 11.01 30.12
C GLY A 362 13.99 11.08 31.14
N ARG A 363 13.71 10.47 32.30
CA ARG A 363 14.50 10.25 33.52
C ARG A 363 15.22 8.90 33.82
N HIS A 364 15.18 7.84 32.98
CA HIS A 364 15.83 6.49 33.33
C HIS A 364 16.53 6.04 32.06
N PRO A 365 17.69 5.36 32.11
CA PRO A 365 18.41 5.14 30.84
C PRO A 365 17.83 4.00 29.98
N ILE A 366 17.94 4.21 28.61
CA ILE A 366 17.65 3.28 27.49
C ILE A 366 18.89 2.97 26.64
N SER A 367 18.70 2.24 25.50
CA SER A 367 19.70 1.93 24.48
C SER A 367 19.10 1.30 23.22
N MET A 368 19.43 1.82 22.01
CA MET A 368 18.84 1.29 20.77
C MET A 368 19.59 1.76 19.52
N VAL A 369 19.15 1.23 18.37
CA VAL A 369 19.64 1.58 17.04
C VAL A 369 18.46 1.99 16.17
N ALA A 370 18.55 3.15 15.52
CA ALA A 370 17.56 3.55 14.52
C ALA A 370 18.32 3.52 13.21
N LEU A 371 18.05 2.50 12.41
CA LEU A 371 18.73 2.40 11.12
C LEU A 371 18.25 3.56 10.22
N SER A 372 19.21 4.17 9.44
CA SER A 372 19.08 5.25 8.43
C SER A 372 19.42 4.78 7.01
N PRO A 373 19.00 5.55 5.98
CA PRO A 373 19.33 5.19 4.58
C PRO A 373 20.79 4.92 4.26
N LEU A 374 21.71 5.65 4.84
CA LEU A 374 23.10 5.43 4.50
C LEU A 374 23.88 5.04 5.74
N GLY A 375 23.19 4.58 6.78
CA GLY A 375 23.87 4.19 8.01
C GLY A 375 22.93 3.83 9.13
N ALA A 376 23.34 4.19 10.35
CA ALA A 376 22.57 3.89 11.55
C ALA A 376 22.99 4.86 12.65
N LEU A 377 22.00 5.36 13.39
CA LEU A 377 22.33 6.08 14.59
C LEU A 377 22.26 5.01 15.67
N VAL A 378 23.34 4.85 16.40
CA VAL A 378 23.43 3.82 17.43
C VAL A 378 23.63 4.52 18.77
N ALA A 379 22.61 4.47 19.62
CA ALA A 379 22.73 4.92 21.00
C ALA A 379 23.05 3.70 21.84
N CYS A 380 24.31 3.58 22.23
CA CYS A 380 24.86 2.44 22.96
C CYS A 380 25.29 2.88 24.33
N TYR A 381 24.59 2.44 25.35
CA TYR A 381 24.86 2.92 26.70
C TYR A 381 25.21 1.76 27.62
N LYS A 382 25.54 2.12 28.87
CA LYS A 382 25.99 1.15 29.85
C LYS A 382 24.88 0.12 29.99
N GLY A 383 25.26 -1.14 29.92
CA GLY A 383 24.34 -2.25 30.03
C GLY A 383 24.23 -3.04 28.75
N VAL A 384 24.63 -2.45 27.62
CA VAL A 384 24.59 -3.17 26.36
C VAL A 384 25.95 -3.01 25.70
N SER A 385 26.21 -3.88 24.73
CA SER A 385 27.42 -3.83 23.89
C SER A 385 26.99 -3.78 22.43
N CYS A 386 27.64 -2.91 21.70
CA CYS A 386 27.31 -2.68 20.31
C CYS A 386 28.59 -2.79 19.51
N SER A 387 28.47 -3.29 18.30
CA SER A 387 29.64 -3.45 17.46
C SER A 387 29.21 -3.25 16.02
N ILE A 388 30.20 -3.08 15.12
CA ILE A 388 29.92 -3.06 13.68
C ILE A 388 30.77 -4.16 13.11
N GLY A 389 30.27 -4.83 12.10
CA GLY A 389 30.96 -5.96 11.56
C GLY A 389 31.01 -5.76 10.06
N SER A 390 31.92 -6.51 9.44
CA SER A 390 32.01 -6.47 7.99
C SER A 390 31.92 -7.85 7.43
N ASN A 391 31.24 -7.92 6.32
CA ASN A 391 31.09 -9.15 5.60
C ASN A 391 32.43 -9.52 4.95
N ARG A 392 33.33 -8.55 4.78
CA ARG A 392 34.67 -8.79 4.24
C ARG A 392 35.76 -8.95 5.32
N VAL A 393 35.78 -8.11 6.36
CA VAL A 393 36.90 -8.06 7.30
C VAL A 393 36.54 -8.70 8.66
N GLY A 394 35.25 -8.78 8.98
CA GLY A 394 34.66 -9.34 10.18
C GLY A 394 34.35 -8.22 11.15
N ILE A 395 34.36 -8.42 12.47
CA ILE A 395 34.03 -7.31 13.37
C ILE A 395 35.17 -6.31 13.32
N ILE A 396 34.82 -5.05 13.05
CA ILE A 396 35.85 -4.04 12.88
C ILE A 396 36.32 -3.58 14.26
N LYS A 397 35.39 -3.27 15.17
CA LYS A 397 35.60 -2.49 16.38
C LYS A 397 34.29 -2.52 17.16
N GLN A 398 34.36 -2.52 18.49
CA GLN A 398 33.11 -2.38 19.26
C GLN A 398 32.88 -0.87 19.23
N LEU A 399 31.61 -0.46 19.12
CA LEU A 399 31.19 0.96 19.01
C LEU A 399 30.93 1.64 20.37
N ASN A 400 31.14 2.97 20.40
CA ASN A 400 31.41 3.68 21.65
C ASN A 400 30.15 3.95 22.45
N LYS A 401 30.33 4.08 23.77
CA LYS A 401 29.19 4.44 24.57
C LYS A 401 28.84 5.86 24.12
N GLY A 402 27.56 6.18 24.00
CA GLY A 402 27.26 7.50 23.50
C GLY A 402 26.50 7.41 22.21
N CYS A 403 26.35 8.54 21.55
CA CYS A 403 25.72 8.57 20.25
C CYS A 403 26.72 8.49 19.09
N SER A 404 26.61 7.45 18.25
CA SER A 404 27.53 7.32 17.11
C SER A 404 26.74 7.22 15.82
N TYR A 405 27.28 7.81 14.75
CA TYR A 405 26.67 7.65 13.44
C TYR A 405 27.58 6.77 12.58
N ILE A 406 27.05 5.66 12.09
CA ILE A 406 27.81 4.75 11.23
C ILE A 406 27.28 4.77 9.80
N THR A 407 28.16 4.91 8.81
CA THR A 407 27.83 4.86 7.37
C THR A 407 27.78 3.44 6.81
N ASN A 408 26.86 3.21 5.85
CA ASN A 408 26.77 1.93 5.15
C ASN A 408 27.91 1.65 4.18
N GLN A 409 28.80 2.60 3.97
CA GLN A 409 30.07 2.28 3.36
C GLN A 409 31.06 1.81 4.41
N ASP A 410 30.85 2.28 5.67
CA ASP A 410 31.70 1.96 6.84
C ASP A 410 31.56 0.51 7.31
N ALA A 411 30.36 -0.05 7.30
CA ALA A 411 30.15 -1.35 7.90
C ALA A 411 29.14 -2.04 7.01
N ASP A 412 29.11 -3.35 7.12
CA ASP A 412 28.08 -4.13 6.48
C ASP A 412 27.02 -4.53 7.48
N THR A 413 27.41 -4.70 8.74
CA THR A 413 26.50 -5.03 9.83
C THR A 413 26.79 -4.23 11.10
N VAL A 414 25.73 -4.02 11.96
CA VAL A 414 25.84 -3.54 13.36
C VAL A 414 25.08 -4.47 14.31
N THR A 415 25.65 -4.74 15.49
CA THR A 415 25.01 -5.62 16.45
C THR A 415 24.91 -4.90 17.77
N ILE A 416 23.77 -5.00 18.42
CA ILE A 416 23.63 -4.72 19.84
C ILE A 416 23.35 -6.00 20.64
N ASP A 417 24.29 -6.43 21.50
CA ASP A 417 24.22 -7.75 22.14
C ASP A 417 24.01 -8.88 21.14
N ASN A 418 22.88 -9.56 21.25
CA ASN A 418 22.51 -10.65 20.34
C ASN A 418 21.55 -10.20 19.23
N THR A 419 21.03 -8.97 19.32
CA THR A 419 20.14 -8.46 18.30
C THR A 419 21.03 -8.08 17.12
N VAL A 420 20.86 -8.70 15.96
CA VAL A 420 21.71 -8.40 14.81
C VAL A 420 21.00 -7.37 13.94
N TYR A 421 21.69 -6.29 13.51
CA TYR A 421 21.16 -5.34 12.53
C TYR A 421 22.05 -5.29 11.33
N CYS A 422 21.72 -5.91 10.23
CA CYS A 422 22.68 -5.64 9.17
C CYS A 422 22.31 -4.36 8.44
N LEU A 423 23.13 -4.01 7.43
CA LEU A 423 23.05 -2.76 6.67
C LEU A 423 23.21 -2.99 5.18
N SER A 424 22.65 -2.05 4.41
CA SER A 424 22.77 -1.95 2.96
C SER A 424 24.14 -1.42 2.53
N LYS A 425 24.43 -1.59 1.23
CA LYS A 425 25.63 -1.05 0.57
C LYS A 425 25.29 0.04 -0.46
N VAL A 426 24.15 0.72 -0.34
CA VAL A 426 23.80 1.82 -1.25
C VAL A 426 24.73 3.06 -1.14
N GLU A 427 25.07 3.66 -2.31
CA GLU A 427 25.97 4.83 -2.52
C GLU A 427 25.28 6.18 -2.70
N GLY A 428 25.93 7.21 -2.22
CA GLY A 428 25.43 8.57 -2.26
C GLY A 428 26.27 9.37 -1.29
N GLU A 429 26.12 10.69 -1.36
CA GLU A 429 27.00 11.50 -0.53
C GLU A 429 26.35 11.79 0.85
N GLN A 430 27.13 11.53 1.93
CA GLN A 430 26.85 11.79 3.35
C GLN A 430 27.60 13.03 3.89
N HIS A 431 26.99 13.76 4.85
CA HIS A 431 27.63 14.94 5.44
C HIS A 431 27.35 15.16 6.93
N VAL A 432 28.37 15.54 7.71
CA VAL A 432 28.25 15.84 9.14
C VAL A 432 28.17 17.36 9.41
N ILE A 433 27.10 17.82 10.09
CA ILE A 433 26.95 19.22 10.51
C ILE A 433 27.38 19.38 11.97
N LYS A 434 28.61 19.87 12.23
CA LYS A 434 29.12 19.86 13.60
C LYS A 434 28.27 20.75 14.49
N GLY A 435 28.16 20.32 15.74
CA GLY A 435 27.44 21.01 16.77
C GLY A 435 27.37 20.15 18.02
N ARG A 436 27.43 20.71 19.22
CA ARG A 436 27.23 19.93 20.45
C ARG A 436 25.82 19.30 20.49
N PRO A 437 25.68 17.99 20.80
CA PRO A 437 24.33 17.40 20.88
C PRO A 437 23.46 18.18 21.86
N VAL A 454 4.96 16.70 23.87
CA VAL A 454 4.96 18.14 24.13
C VAL A 454 5.99 18.77 23.21
N ALA A 455 5.75 20.04 22.88
CA ALA A 455 6.71 20.83 22.12
C ALA A 455 8.01 21.03 22.89
N LEU A 456 9.17 20.97 22.19
CA LEU A 456 10.46 21.08 22.88
C LEU A 456 10.52 22.40 23.60
N ASP A 457 9.88 23.42 23.00
CA ASP A 457 9.83 24.70 23.65
C ASP A 457 8.99 24.63 24.92
N GLN A 458 8.10 23.62 25.04
CA GLN A 458 7.40 23.40 26.32
C GLN A 458 8.28 22.74 27.37
N VAL A 459 9.31 21.98 26.94
CA VAL A 459 10.34 21.48 27.86
C VAL A 459 11.22 22.63 28.36
N PHE A 460 11.68 23.53 27.43
CA PHE A 460 12.42 24.74 27.90
C PHE A 460 11.54 25.59 28.80
N GLU A 461 10.25 25.74 28.43
CA GLU A 461 9.30 26.51 29.23
C GLU A 461 9.06 25.87 30.62
N SER A 462 9.01 24.52 30.70
CA SER A 462 8.81 23.82 31.98
C SER A 462 10.02 23.99 32.94
N ILE A 463 11.25 23.84 32.42
CA ILE A 463 12.47 24.01 33.24
C ILE A 463 12.61 25.46 33.70
N GLU A 464 12.38 26.38 32.75
CA GLU A 464 12.52 27.81 32.96
C GLU A 464 11.46 28.29 33.96
N ASN A 465 10.23 27.72 33.93
CA ASN A 465 9.18 28.09 34.89
C ASN A 465 9.52 27.58 36.30
N SER A 466 9.98 26.32 36.45
CA SER A 466 10.26 25.78 37.79
C SER A 466 11.42 26.44 38.57
N GLN A 467 12.41 27.07 37.92
CA GLN A 467 13.44 27.66 38.79
C GLN A 467 13.25 29.11 39.32
N ALA A 468 12.56 30.03 38.64
CA ALA A 468 12.42 31.42 39.20
C ALA A 468 11.56 31.58 40.46
#